data_3CAH
#
_entry.id   3CAH
#
_cell.length_a   126.124
_cell.length_b   126.124
_cell.length_c   76.039
_cell.angle_alpha   90.00
_cell.angle_beta   90.00
_cell.angle_gamma   90.00
#
_symmetry.space_group_name_H-M   'I 41 2 2'
#
loop_
_entity.id
_entity.type
_entity.pdbx_description
1 polymer 'Agglutinin II'
2 branched alpha-L-fucopyranose-(1-3)-[2-acetamido-2-deoxy-beta-D-glucopyranose-(1-4)]2-acetamido-2-deoxy-beta-D-glucopyranose
3 branched 2-acetamido-2-deoxy-beta-D-glucopyranose-(1-4)-2-acetamido-2-deoxy-beta-D-glucopyranose
4 non-polymer 2-acetamido-2-deoxy-beta-D-glucopyranose
5 non-polymer alpha-D-fucopyranose
6 non-polymer 'SULFATE ION'
7 non-polymer 'ACETATE ION'
8 water water
#
_entity_poly.entity_id   1
_entity_poly.type   'polypeptide(L)'
_entity_poly.pdbx_seq_one_letter_code
;TSFTRNIVGRDGLCVDVRNGYDTDGTPLQLWPCGTQRNQRWTFDSDDTIRSMGKCMTANGLNNGSNIVIFNCSTAAENAI
KWEVPIDGSIINPSSGLVMTAPRAASRTILLLEDNIYAASQGWTVTNNVKPIVASIVGYKEMCLQSNGENNGVWMEDCEA
TSLQQQWALYGDRTIRVNSTRGLCVTTNGYNSKDLIIILKCQGLPSQRWFFNSDGAIVNPKSRLVMDVRASNVSLREIII
FPATGNPNQQWVTQVLPS
;
_entity_poly.pdbx_strand_id   A
#
# COMPACT_ATOMS: atom_id res chain seq x y z
N THR A 1 2.79 6.95 24.39
CA THR A 1 1.59 7.78 24.09
C THR A 1 0.65 6.99 23.17
N SER A 2 -0.54 7.54 22.93
CA SER A 2 -1.44 6.88 21.96
C SER A 2 -2.09 7.86 21.01
N PHE A 3 -2.43 7.38 19.81
CA PHE A 3 -3.06 8.19 18.79
C PHE A 3 -3.97 7.26 17.96
N THR A 4 -4.98 7.81 17.34
CA THR A 4 -6.01 7.04 16.68
C THR A 4 -6.17 7.46 15.21
N ARG A 5 -6.30 6.46 14.34
CA ARG A 5 -6.34 6.65 12.91
C ARG A 5 -7.24 5.57 12.27
N ASN A 6 -7.55 5.73 10.99
CA ASN A 6 -8.07 4.62 10.18
C ASN A 6 -6.87 3.83 9.62
N ILE A 7 -7.13 2.63 9.11
CA ILE A 7 -6.08 1.83 8.43
C ILE A 7 -6.64 1.47 7.05
N VAL A 8 -6.05 2.10 6.02
CA VAL A 8 -6.53 1.95 4.63
C VAL A 8 -5.68 0.90 3.92
N GLY A 9 -6.30 -0.02 3.17
CA GLY A 9 -5.57 -1.05 2.43
C GLY A 9 -6.17 -1.29 1.06
N ARG A 10 -6.24 -2.57 0.70
CA ARG A 10 -6.56 -2.99 -0.64
C ARG A 10 -7.71 -2.25 -1.23
N ASP A 11 -7.52 -1.72 -2.45
CA ASP A 11 -8.55 -0.99 -3.20
C ASP A 11 -9.11 0.25 -2.45
N GLY A 12 -8.33 0.74 -1.44
CA GLY A 12 -8.72 1.90 -0.69
C GLY A 12 -9.81 1.65 0.35
N LEU A 13 -10.12 0.38 0.63
CA LEU A 13 -11.05 -0.02 1.69
C LEU A 13 -10.30 0.01 3.01
N CYS A 14 -11.05 -0.01 4.12
CA CYS A 14 -10.48 0.14 5.45
C CYS A 14 -10.65 -1.13 6.28
N VAL A 15 -9.74 -1.28 7.22
CA VAL A 15 -9.77 -2.34 8.19
C VAL A 15 -10.93 -2.04 9.16
N ASP A 16 -11.83 -3.01 9.26
CA ASP A 16 -13.13 -2.85 9.89
C ASP A 16 -13.46 -4.10 10.69
N VAL A 17 -13.88 -3.90 11.94
CA VAL A 17 -14.33 -5.03 12.77
C VAL A 17 -15.77 -5.41 12.32
N ARG A 18 -15.92 -6.65 11.88
CA ARG A 18 -17.10 -7.08 11.10
C ARG A 18 -18.40 -6.88 11.88
N ASN A 19 -19.36 -6.22 11.21
CA ASN A 19 -20.69 -5.92 11.78
C ASN A 19 -20.63 -4.89 12.98
N GLY A 20 -19.45 -4.34 13.28
CA GLY A 20 -19.29 -3.44 14.44
C GLY A 20 -19.42 -4.17 15.74
N TYR A 21 -19.37 -5.52 15.75
CA TYR A 21 -19.41 -6.27 17.00
C TYR A 21 -18.09 -6.20 17.70
N ASP A 22 -18.14 -6.07 19.03
CA ASP A 22 -16.96 -6.13 19.89
C ASP A 22 -16.76 -7.42 20.65
N THR A 23 -17.54 -8.45 20.37
N THR A 23 -17.51 -8.47 20.30
CA THR A 23 -17.37 -9.73 21.04
CA THR A 23 -17.38 -9.80 20.89
C THR A 23 -16.00 -10.32 20.62
C THR A 23 -15.98 -10.37 20.57
N ASP A 24 -15.36 -10.97 21.58
CA ASP A 24 -14.05 -11.60 21.35
C ASP A 24 -14.13 -12.55 20.16
N GLY A 25 -13.16 -12.47 19.29
CA GLY A 25 -13.12 -13.34 18.11
C GLY A 25 -13.74 -12.79 16.85
N THR A 26 -14.34 -11.61 16.92
CA THR A 26 -14.96 -11.02 15.73
C THR A 26 -13.88 -10.75 14.70
N PRO A 27 -14.01 -11.35 13.49
N PRO A 27 -14.08 -11.20 13.45
CA PRO A 27 -13.04 -11.08 12.42
CA PRO A 27 -12.98 -11.03 12.52
C PRO A 27 -12.88 -9.62 12.02
C PRO A 27 -12.91 -9.64 11.93
N LEU A 28 -11.69 -9.29 11.54
CA LEU A 28 -11.42 -8.05 10.77
C LEU A 28 -11.67 -8.31 9.29
N GLN A 29 -12.15 -7.28 8.60
CA GLN A 29 -12.49 -7.36 7.19
C GLN A 29 -12.17 -6.05 6.52
N LEU A 30 -12.28 -6.00 5.20
CA LEU A 30 -12.32 -4.77 4.47
C LEU A 30 -13.77 -4.24 4.40
N TRP A 31 -13.94 -2.91 4.49
CA TRP A 31 -15.19 -2.24 4.30
C TRP A 31 -14.91 -0.81 3.86
N PRO A 32 -15.79 -0.19 3.09
CA PRO A 32 -15.55 1.21 2.70
C PRO A 32 -15.28 2.12 3.91
N CYS A 33 -14.31 3.01 3.78
CA CYS A 33 -13.82 3.79 4.90
C CYS A 33 -14.87 4.77 5.41
N GLY A 34 -14.89 4.91 6.72
CA GLY A 34 -15.74 5.87 7.42
C GLY A 34 -15.22 6.16 8.81
N THR A 35 -16.04 6.91 9.57
CA THR A 35 -15.74 7.34 10.87
C THR A 35 -16.22 6.44 12.02
N GLN A 36 -16.88 5.34 11.68
CA GLN A 36 -17.44 4.46 12.69
C GLN A 36 -16.35 3.92 13.58
N ARG A 37 -16.67 3.68 14.83
CA ARG A 37 -15.66 3.34 15.81
C ARG A 37 -14.92 2.03 15.54
N ASN A 38 -15.61 1.13 14.82
CA ASN A 38 -15.04 -0.18 14.46
C ASN A 38 -14.05 -0.06 13.29
N GLN A 39 -13.78 1.19 12.86
CA GLN A 39 -12.70 1.49 11.92
C GLN A 39 -11.62 2.42 12.53
N ARG A 40 -11.79 2.82 13.78
CA ARG A 40 -10.85 3.74 14.43
C ARG A 40 -9.93 2.90 15.31
N TRP A 41 -8.65 2.94 14.99
CA TRP A 41 -7.62 2.11 15.56
C TRP A 41 -6.65 2.97 16.31
N THR A 42 -6.46 2.64 17.59
CA THR A 42 -5.58 3.39 18.47
C THR A 42 -4.30 2.60 18.61
N PHE A 43 -3.23 3.31 18.31
CA PHE A 43 -1.86 2.81 18.35
C PHE A 43 -1.24 3.28 19.65
N ASP A 44 -0.85 2.32 20.47
CA ASP A 44 -0.31 2.57 21.82
C ASP A 44 1.21 2.18 21.78
N SER A 45 2.01 2.79 22.67
N SER A 45 1.90 2.75 22.76
CA SER A 45 3.46 2.49 22.77
CA SER A 45 3.33 2.56 22.94
C SER A 45 3.79 1.05 23.26
C SER A 45 3.71 1.09 23.07
N ASP A 46 2.78 0.27 23.64
CA ASP A 46 2.97 -1.16 23.83
C ASP A 46 2.80 -2.09 22.57
N ASP A 47 2.73 -1.48 21.39
CA ASP A 47 2.62 -2.14 20.11
C ASP A 47 1.31 -2.87 19.91
N THR A 48 0.33 -2.51 20.70
CA THR A 48 -1.07 -2.95 20.42
C THR A 48 -1.77 -1.94 19.50
N ILE A 49 -2.83 -2.45 18.83
CA ILE A 49 -3.64 -1.67 17.90
C ILE A 49 -5.05 -2.03 18.32
N ARG A 50 -5.76 -1.01 18.80
CA ARG A 50 -7.04 -1.23 19.46
C ARG A 50 -8.23 -0.58 18.81
N SER A 51 -9.39 -1.28 18.82
CA SER A 51 -10.63 -0.70 18.37
C SER A 51 -11.68 -1.13 19.37
N MET A 52 -12.54 -0.18 19.73
CA MET A 52 -13.63 -0.44 20.69
C MET A 52 -13.12 -1.04 22.01
N GLY A 53 -11.91 -0.62 22.41
CA GLY A 53 -11.29 -1.02 23.65
C GLY A 53 -10.68 -2.39 23.65
N LYS A 54 -10.68 -3.07 22.49
CA LYS A 54 -10.11 -4.40 22.39
C LYS A 54 -8.96 -4.42 21.35
N CYS A 55 -8.22 -5.48 21.31
CA CYS A 55 -6.98 -5.55 20.54
C CYS A 55 -7.13 -6.30 19.21
N MET A 56 -6.49 -5.78 18.18
CA MET A 56 -6.20 -6.57 16.99
C MET A 56 -5.37 -7.77 17.40
N THR A 57 -5.84 -8.99 17.08
CA THR A 57 -5.30 -10.24 17.60
C THR A 57 -5.18 -11.29 16.53
N ALA A 58 -4.03 -11.93 16.46
CA ALA A 58 -3.89 -13.12 15.56
C ALA A 58 -4.55 -14.31 16.22
N ASN A 59 -5.54 -14.91 15.57
CA ASN A 59 -6.26 -16.08 16.16
C ASN A 59 -5.51 -17.24 15.65
N GLY A 60 -4.32 -17.40 16.20
CA GLY A 60 -3.31 -18.27 15.69
C GLY A 60 -2.22 -17.57 14.94
N LEU A 61 -1.09 -18.24 14.88
CA LEU A 61 0.16 -17.64 14.34
C LEU A 61 0.72 -18.51 13.21
N ASN A 62 -0.19 -18.97 12.36
CA ASN A 62 0.12 -19.76 11.20
C ASN A 62 -0.30 -19.11 9.87
N ASN A 63 0.24 -19.56 8.73
CA ASN A 63 -0.10 -19.04 7.43
C ASN A 63 -1.57 -19.30 7.19
N GLY A 64 -2.36 -18.24 7.05
CA GLY A 64 -3.79 -18.34 6.77
C GLY A 64 -4.62 -18.12 8.05
N SER A 65 -3.98 -17.92 9.20
CA SER A 65 -4.69 -17.62 10.44
C SER A 65 -5.50 -16.32 10.35
N ASN A 66 -6.69 -16.34 10.90
CA ASN A 66 -7.53 -15.17 10.93
C ASN A 66 -7.07 -14.12 11.93
N ILE A 67 -7.30 -12.87 11.58
CA ILE A 67 -7.04 -11.72 12.51
C ILE A 67 -8.44 -11.24 13.00
N VAL A 68 -8.54 -11.05 14.31
CA VAL A 68 -9.79 -10.82 15.02
C VAL A 68 -9.59 -9.70 16.02
N ILE A 69 -10.68 -9.23 16.62
CA ILE A 69 -10.60 -8.39 17.84
C ILE A 69 -10.67 -9.34 19.04
N PHE A 70 -9.97 -8.99 20.12
CA PHE A 70 -9.99 -9.81 21.33
C PHE A 70 -9.58 -8.93 22.50
N ASN A 71 -10.12 -9.25 23.66
CA ASN A 71 -9.70 -8.63 24.94
C ASN A 71 -8.18 -8.62 25.03
N CYS A 72 -7.64 -7.42 25.26
CA CYS A 72 -6.20 -7.19 25.27
C CYS A 72 -5.52 -7.86 26.47
N SER A 73 -6.24 -8.04 27.57
N SER A 73 -6.23 -8.03 27.56
CA SER A 73 -5.60 -8.62 28.75
CA SER A 73 -5.60 -8.66 28.75
C SER A 73 -5.66 -10.14 28.83
C SER A 73 -5.54 -10.17 28.65
N THR A 74 -6.58 -10.78 28.08
CA THR A 74 -6.72 -12.23 28.04
C THR A 74 -6.13 -12.90 26.82
N ALA A 75 -5.92 -12.14 25.72
CA ALA A 75 -5.24 -12.68 24.55
C ALA A 75 -3.80 -13.01 24.86
N ALA A 76 -3.23 -13.90 24.06
CA ALA A 76 -1.81 -14.20 24.18
C ALA A 76 -0.98 -12.98 23.80
N GLU A 77 0.07 -12.64 24.61
CA GLU A 77 0.84 -11.44 24.39
C GLU A 77 1.39 -11.41 22.95
N ASN A 78 1.89 -12.56 22.48
N ASN A 78 1.88 -12.54 22.47
CA ASN A 78 2.52 -12.65 21.15
CA ASN A 78 2.53 -12.53 21.17
C ASN A 78 1.55 -12.24 20.05
C ASN A 78 1.56 -12.40 19.98
N ALA A 79 0.27 -12.52 20.30
CA ALA A 79 -0.80 -12.39 19.29
C ALA A 79 -1.36 -11.00 19.17
N ILE A 80 -1.02 -10.08 20.08
CA ILE A 80 -1.52 -8.72 20.07
C ILE A 80 -0.51 -7.64 19.81
N LYS A 81 0.70 -8.08 19.51
CA LYS A 81 1.77 -7.10 19.19
C LYS A 81 1.93 -6.97 17.67
N TRP A 82 2.10 -5.74 17.19
CA TRP A 82 2.17 -5.39 15.78
C TRP A 82 3.17 -4.29 15.58
N GLU A 83 3.86 -4.32 14.46
CA GLU A 83 4.67 -3.17 14.05
C GLU A 83 4.32 -2.77 12.65
N VAL A 84 4.78 -1.58 12.26
CA VAL A 84 4.34 -0.95 11.01
C VAL A 84 5.58 -0.59 10.18
N PRO A 85 6.06 -1.59 9.41
CA PRO A 85 7.22 -1.29 8.56
C PRO A 85 6.99 -0.09 7.65
N ILE A 86 8.08 0.61 7.32
CA ILE A 86 8.00 1.82 6.57
C ILE A 86 7.45 1.57 5.18
N ASP A 87 7.57 0.37 4.62
CA ASP A 87 7.00 0.07 3.35
C ASP A 87 5.51 -0.18 3.40
N GLY A 88 4.89 -0.06 4.55
CA GLY A 88 3.40 -0.16 4.61
C GLY A 88 2.88 -1.51 4.99
N SER A 89 3.73 -2.47 5.37
CA SER A 89 3.23 -3.75 5.91
C SER A 89 2.66 -3.51 7.31
N ILE A 90 1.88 -4.47 7.80
CA ILE A 90 1.54 -4.54 9.24
C ILE A 90 1.92 -5.97 9.63
N ILE A 91 2.94 -6.07 10.50
CA ILE A 91 3.56 -7.32 10.80
C ILE A 91 3.34 -7.72 12.24
N ASN A 92 3.17 -9.03 12.45
CA ASN A 92 3.16 -9.61 13.78
C ASN A 92 4.60 -10.07 14.08
N PRO A 93 5.27 -9.42 15.01
CA PRO A 93 6.69 -9.76 15.13
C PRO A 93 7.03 -11.17 15.52
N SER A 94 6.20 -11.81 16.36
CA SER A 94 6.55 -13.17 16.82
C SER A 94 6.63 -14.14 15.64
N SER A 95 5.63 -14.07 14.76
CA SER A 95 5.49 -14.98 13.63
C SER A 95 6.17 -14.56 12.37
N GLY A 96 6.35 -13.23 12.21
CA GLY A 96 6.79 -12.69 10.97
C GLY A 96 5.79 -12.64 9.84
N LEU A 97 4.57 -13.06 10.13
CA LEU A 97 3.50 -13.03 9.15
C LEU A 97 2.91 -11.63 9.12
N VAL A 98 2.28 -11.33 7.98
CA VAL A 98 1.79 -9.98 7.75
C VAL A 98 0.29 -9.97 7.41
N MET A 99 -0.37 -8.85 7.75
N MET A 99 -0.38 -8.87 7.76
CA MET A 99 -1.77 -8.67 7.44
CA MET A 99 -1.79 -8.76 7.51
C MET A 99 -2.00 -8.71 5.96
C MET A 99 -2.05 -8.66 6.02
N THR A 100 -2.98 -9.50 5.52
CA THR A 100 -3.25 -9.69 4.09
C THR A 100 -4.72 -9.66 3.79
N ALA A 101 -5.07 -8.96 2.73
CA ALA A 101 -6.47 -8.97 2.20
C ALA A 101 -6.51 -9.92 1.01
N PRO A 102 -7.06 -11.16 1.20
CA PRO A 102 -6.87 -12.11 0.05
C PRO A 102 -7.69 -11.84 -1.24
N ARG A 103 -8.72 -11.02 -1.14
CA ARG A 103 -9.54 -10.60 -2.23
C ARG A 103 -9.77 -9.10 -2.13
N ALA A 104 -10.14 -8.46 -3.23
CA ALA A 104 -10.41 -6.99 -3.23
C ALA A 104 -11.79 -6.51 -2.62
N ALA A 105 -12.69 -7.40 -2.49
CA ALA A 105 -14.05 -7.08 -2.21
C ALA A 105 -14.27 -6.65 -0.80
N SER A 106 -15.25 -5.78 -0.63
N SER A 106 -15.26 -5.77 -0.59
CA SER A 106 -15.86 -5.59 0.69
CA SER A 106 -15.76 -5.57 0.78
C SER A 106 -16.17 -6.95 1.32
C SER A 106 -16.22 -6.89 1.34
N ARG A 107 -16.05 -7.04 2.64
CA ARG A 107 -16.35 -8.25 3.38
C ARG A 107 -15.27 -9.34 3.27
N THR A 108 -14.17 -9.07 2.54
CA THR A 108 -13.04 -9.99 2.58
C THR A 108 -12.50 -9.99 4.01
N ILE A 109 -12.26 -11.18 4.54
CA ILE A 109 -11.72 -11.35 5.84
C ILE A 109 -10.19 -11.35 5.85
N LEU A 110 -9.60 -10.62 6.80
CA LEU A 110 -8.16 -10.41 6.79
C LEU A 110 -7.46 -11.57 7.47
N LEU A 111 -6.34 -11.98 6.87
CA LEU A 111 -5.59 -13.10 7.33
C LEU A 111 -4.12 -12.71 7.56
N LEU A 112 -3.46 -13.47 8.41
CA LEU A 112 -1.99 -13.45 8.53
C LEU A 112 -1.44 -14.41 7.51
N GLU A 113 -0.53 -13.96 6.70
CA GLU A 113 0.09 -14.83 5.70
C GLU A 113 1.56 -14.52 5.55
N ASP A 114 2.23 -15.49 4.93
CA ASP A 114 3.63 -15.32 4.55
C ASP A 114 3.80 -14.01 3.76
N ASN A 115 4.81 -13.22 4.14
CA ASN A 115 5.08 -11.96 3.44
C ASN A 115 5.67 -12.22 2.08
N ILE A 116 4.93 -11.80 1.06
CA ILE A 116 5.37 -11.84 -0.34
C ILE A 116 5.46 -10.43 -0.90
N TYR A 117 5.34 -9.42 -0.06
CA TYR A 117 5.37 -8.00 -0.48
C TYR A 117 4.29 -7.70 -1.51
N ALA A 118 3.15 -8.34 -1.38
CA ALA A 118 2.05 -8.13 -2.30
C ALA A 118 1.33 -6.80 -2.02
N ALA A 119 0.71 -6.20 -3.02
CA ALA A 119 -0.14 -5.04 -2.78
C ALA A 119 -1.32 -5.39 -1.84
N SER A 120 -1.76 -6.66 -1.84
CA SER A 120 -2.73 -7.14 -0.84
C SER A 120 -2.25 -7.08 0.61
N GLN A 121 -0.95 -6.85 0.78
CA GLN A 121 -0.27 -6.75 2.06
C GLN A 121 0.18 -5.30 2.38
N GLY A 122 -0.28 -4.33 1.60
CA GLY A 122 0.08 -2.93 1.84
C GLY A 122 -1.05 -2.19 2.56
N TRP A 123 -0.66 -1.33 3.50
CA TRP A 123 -1.61 -0.56 4.34
C TRP A 123 -1.05 0.84 4.64
N THR A 124 -1.95 1.78 4.93
CA THR A 124 -1.60 3.13 5.32
C THR A 124 -2.40 3.54 6.54
N VAL A 125 -1.68 3.91 7.60
CA VAL A 125 -2.27 4.38 8.87
C VAL A 125 -2.45 5.91 8.77
N THR A 126 -3.70 6.36 8.70
CA THR A 126 -3.99 7.74 8.33
C THR A 126 -5.41 8.16 8.73
N ASN A 127 -5.64 9.48 8.92
CA ASN A 127 -7.00 10.01 9.06
C ASN A 127 -7.62 10.43 7.71
N ASN A 128 -6.80 10.57 6.66
CA ASN A 128 -7.34 10.86 5.33
C ASN A 128 -7.70 9.57 4.62
N VAL A 129 -8.96 9.29 4.49
CA VAL A 129 -9.34 7.97 3.94
C VAL A 129 -9.54 8.02 2.41
N LYS A 130 -9.15 9.14 1.78
CA LYS A 130 -9.14 9.24 0.34
C LYS A 130 -7.72 9.16 -0.24
N PRO A 131 -7.60 8.54 -1.41
CA PRO A 131 -6.23 8.53 -2.01
C PRO A 131 -5.69 9.93 -2.24
N ILE A 132 -4.39 10.10 -2.15
CA ILE A 132 -3.74 11.37 -2.39
C ILE A 132 -3.54 11.44 -3.90
N VAL A 133 -3.91 12.55 -4.53
CA VAL A 133 -3.79 12.72 -5.99
C VAL A 133 -2.65 13.69 -6.32
N ALA A 134 -1.70 13.21 -7.10
CA ALA A 134 -0.47 13.93 -7.31
C ALA A 134 0.12 13.66 -8.70
N SER A 135 0.92 14.60 -9.18
N SER A 135 0.91 14.61 -9.15
CA SER A 135 1.84 14.32 -10.29
CA SER A 135 1.88 14.41 -10.23
C SER A 135 3.13 13.79 -9.68
C SER A 135 3.06 13.66 -9.62
N ILE A 136 3.81 12.93 -10.44
CA ILE A 136 5.06 12.33 -10.05
C ILE A 136 6.12 12.94 -10.98
N VAL A 137 6.95 13.83 -10.40
CA VAL A 137 7.94 14.59 -11.15
C VAL A 137 9.27 13.87 -10.99
N GLY A 138 9.99 13.69 -12.09
CA GLY A 138 11.27 13.02 -12.09
C GLY A 138 12.28 13.68 -12.97
N TYR A 139 13.04 12.83 -13.67
CA TYR A 139 14.18 13.21 -14.46
C TYR A 139 13.84 14.38 -15.36
N LYS A 140 14.75 15.38 -15.36
CA LYS A 140 14.60 16.59 -16.16
C LYS A 140 13.36 17.38 -15.82
N GLU A 141 12.86 17.22 -14.58
CA GLU A 141 11.64 17.87 -14.15
C GLU A 141 10.43 17.54 -14.99
N MET A 142 10.47 16.36 -15.59
N MET A 142 10.49 16.42 -15.69
CA MET A 142 9.37 15.84 -16.36
CA MET A 142 9.33 15.91 -16.43
C MET A 142 8.40 15.12 -15.46
C MET A 142 8.45 15.06 -15.52
N CYS A 143 7.26 14.76 -16.00
CA CYS A 143 6.20 14.06 -15.25
C CYS A 143 5.99 12.64 -15.76
N LEU A 144 5.83 11.68 -14.85
CA LEU A 144 5.45 10.34 -15.22
C LEU A 144 4.02 10.33 -15.74
N GLN A 145 3.79 9.59 -16.82
CA GLN A 145 2.51 9.60 -17.51
C GLN A 145 2.09 8.19 -17.88
N SER A 146 0.81 7.91 -17.68
N SER A 146 0.82 7.86 -17.65
CA SER A 146 0.17 6.69 -18.17
CA SER A 146 0.24 6.60 -18.19
C SER A 146 -0.17 6.82 -19.65
C SER A 146 -0.28 6.80 -19.61
N ASN A 147 -0.39 5.66 -20.29
CA ASN A 147 -0.72 5.60 -21.71
C ASN A 147 -1.66 4.48 -22.07
N GLY A 148 -2.52 4.09 -21.13
CA GLY A 148 -3.44 3.01 -21.32
C GLY A 148 -3.10 1.71 -20.71
N GLU A 149 -4.10 0.85 -20.49
CA GLU A 149 -3.91 -0.51 -20.00
C GLU A 149 -3.02 -1.28 -20.96
N ASN A 150 -2.14 -2.07 -20.36
CA ASN A 150 -1.12 -2.85 -21.04
C ASN A 150 0.04 -2.10 -21.67
N ASN A 151 0.04 -0.77 -21.60
N ASN A 151 -0.02 -0.75 -21.76
CA ASN A 151 1.06 0.02 -22.22
CA ASN A 151 1.08 0.05 -22.31
C ASN A 151 2.06 0.58 -21.22
C ASN A 151 2.09 0.46 -21.24
N GLY A 152 3.24 0.93 -21.71
CA GLY A 152 4.28 1.47 -20.81
C GLY A 152 3.85 2.77 -20.16
N VAL A 153 4.44 3.07 -19.03
CA VAL A 153 4.47 4.45 -18.54
C VAL A 153 5.72 5.13 -19.07
N TRP A 154 5.72 6.44 -19.16
CA TRP A 154 6.89 7.19 -19.59
C TRP A 154 6.82 8.67 -19.24
N MET A 155 7.92 9.37 -19.48
CA MET A 155 8.06 10.79 -19.13
C MET A 155 7.55 11.74 -20.19
N GLU A 156 6.86 12.80 -19.72
N GLU A 156 6.82 12.80 -19.76
CA GLU A 156 6.46 13.89 -20.60
CA GLU A 156 6.39 13.87 -20.66
C GLU A 156 6.60 15.23 -19.88
C GLU A 156 6.46 15.21 -19.91
N ASP A 157 6.63 16.32 -20.64
CA ASP A 157 6.58 17.65 -20.01
C ASP A 157 5.34 17.78 -19.15
N CYS A 158 5.52 18.26 -17.92
CA CYS A 158 4.36 18.40 -16.99
C CYS A 158 3.33 19.39 -17.50
N GLU A 159 2.08 18.97 -17.42
CA GLU A 159 0.94 19.76 -17.88
C GLU A 159 -0.15 19.64 -16.82
N ALA A 160 -0.57 20.77 -16.26
CA ALA A 160 -1.69 20.75 -15.29
C ALA A 160 -2.97 20.05 -15.82
N THR A 161 -3.19 20.12 -17.14
CA THR A 161 -4.35 19.55 -17.83
C THR A 161 -4.23 18.14 -18.32
N SER A 162 -3.06 17.46 -18.11
CA SER A 162 -2.92 16.09 -18.56
C SER A 162 -3.42 15.18 -17.48
N LEU A 163 -4.59 14.56 -17.69
CA LEU A 163 -5.12 13.61 -16.72
C LEU A 163 -4.23 12.42 -16.60
N GLN A 164 -3.55 12.02 -17.69
CA GLN A 164 -2.73 10.78 -17.60
C GLN A 164 -1.45 11.01 -16.81
N GLN A 165 -1.19 12.26 -16.37
CA GLN A 165 -0.09 12.58 -15.41
C GLN A 165 -0.58 12.62 -13.97
N GLN A 166 -1.82 12.27 -13.74
CA GLN A 166 -2.46 12.37 -12.41
C GLN A 166 -2.57 10.99 -11.83
N TRP A 167 -1.97 10.80 -10.65
CA TRP A 167 -1.84 9.49 -10.00
C TRP A 167 -2.52 9.50 -8.65
N ALA A 168 -3.30 8.46 -8.39
CA ALA A 168 -3.91 8.24 -7.11
C ALA A 168 -3.03 7.31 -6.31
N LEU A 169 -2.51 7.82 -5.20
CA LEU A 169 -1.63 7.11 -4.32
C LEU A 169 -2.51 6.43 -3.27
N TYR A 170 -2.83 5.14 -3.50
CA TYR A 170 -3.79 4.39 -2.68
C TYR A 170 -3.17 3.87 -1.41
N GLY A 171 -4.01 3.62 -0.40
CA GLY A 171 -3.48 3.14 0.85
C GLY A 171 -2.80 1.79 0.87
N ASP A 172 -3.11 0.96 -0.11
CA ASP A 172 -2.46 -0.34 -0.28
C ASP A 172 -1.10 -0.24 -0.98
N ARG A 173 -0.62 0.99 -1.14
CA ARG A 173 0.72 1.21 -1.67
C ARG A 173 0.80 0.96 -3.19
N THR A 174 -0.37 0.98 -3.82
CA THR A 174 -0.45 0.98 -5.26
C THR A 174 -0.47 2.41 -5.79
N ILE A 175 -0.01 2.55 -7.04
CA ILE A 175 0.00 3.84 -7.74
C ILE A 175 -0.95 3.66 -8.92
N ARG A 176 -2.09 4.34 -8.85
CA ARG A 176 -3.16 4.09 -9.78
C ARG A 176 -3.42 5.24 -10.71
N VAL A 177 -3.93 4.89 -11.89
CA VAL A 177 -4.36 5.92 -12.87
C VAL A 177 -5.53 6.69 -12.28
N ASN A 178 -5.39 7.99 -12.02
CA ASN A 178 -6.42 8.65 -11.21
C ASN A 178 -7.81 8.56 -11.83
N SER A 179 -7.87 8.68 -13.16
CA SER A 179 -9.13 8.63 -13.84
C SER A 179 -9.69 7.23 -14.08
N THR A 180 -8.88 6.20 -13.89
CA THR A 180 -9.28 4.83 -14.10
C THR A 180 -8.65 3.96 -12.98
N ARG A 181 -9.28 4.00 -11.82
CA ARG A 181 -8.68 3.56 -10.61
C ARG A 181 -8.62 2.02 -10.42
N GLY A 182 -9.11 1.27 -11.40
CA GLY A 182 -8.86 -0.14 -11.48
C GLY A 182 -7.54 -0.57 -12.09
N LEU A 183 -6.77 0.41 -12.51
CA LEU A 183 -5.47 0.20 -13.16
C LEU A 183 -4.31 0.68 -12.33
N CYS A 184 -3.27 -0.15 -12.34
CA CYS A 184 -2.11 -0.01 -11.44
C CYS A 184 -0.80 0.06 -12.19
N VAL A 185 0.12 0.89 -11.72
CA VAL A 185 1.50 0.85 -12.19
C VAL A 185 2.06 -0.53 -11.78
N THR A 186 2.60 -1.28 -12.75
CA THR A 186 2.99 -2.69 -12.58
C THR A 186 4.31 -2.98 -13.26
N THR A 187 5.25 -3.58 -12.54
CA THR A 187 6.47 -4.02 -13.19
C THR A 187 6.17 -5.36 -13.91
N ASN A 188 6.67 -5.49 -15.12
CA ASN A 188 6.39 -6.67 -15.92
C ASN A 188 7.52 -7.65 -15.70
N GLY A 189 7.66 -8.07 -14.44
CA GLY A 189 8.66 -8.95 -13.94
C GLY A 189 9.45 -8.37 -12.80
N TYR A 190 10.31 -9.16 -12.15
CA TYR A 190 11.04 -8.71 -10.99
C TYR A 190 12.54 -8.62 -11.23
N ASN A 191 12.93 -8.64 -12.50
CA ASN A 191 14.34 -8.59 -12.85
C ASN A 191 14.77 -7.20 -13.36
N SER A 192 16.04 -6.90 -13.19
CA SER A 192 16.56 -5.62 -13.65
C SER A 192 16.25 -5.52 -15.15
N LYS A 193 15.84 -4.30 -15.54
CA LYS A 193 15.49 -3.93 -16.90
C LYS A 193 14.08 -4.35 -17.32
N ASP A 194 13.31 -4.97 -16.42
CA ASP A 194 11.90 -5.22 -16.72
C ASP A 194 11.15 -3.89 -16.83
N LEU A 195 10.21 -3.85 -17.77
CA LEU A 195 9.47 -2.65 -18.08
C LEU A 195 8.33 -2.39 -17.13
N ILE A 196 8.07 -1.11 -16.87
CA ILE A 196 6.96 -0.71 -16.03
C ILE A 196 5.80 -0.25 -16.95
N ILE A 197 4.65 -0.89 -16.72
CA ILE A 197 3.45 -0.75 -17.52
C ILE A 197 2.24 -0.47 -16.65
N ILE A 198 1.09 -0.33 -17.26
CA ILE A 198 -0.15 -0.27 -16.52
C ILE A 198 -0.94 -1.57 -16.74
N LEU A 199 -1.40 -2.19 -15.69
CA LEU A 199 -2.18 -3.41 -15.76
C LEU A 199 -3.31 -3.33 -14.73
N LYS A 200 -4.37 -4.11 -14.95
CA LYS A 200 -5.45 -4.23 -13.95
C LYS A 200 -4.86 -4.56 -12.58
N CYS A 201 -5.30 -3.81 -11.59
CA CYS A 201 -4.90 -4.07 -10.20
C CYS A 201 -5.35 -5.48 -9.77
N GLN A 202 -4.42 -6.27 -9.33
CA GLN A 202 -4.66 -7.67 -8.91
C GLN A 202 -4.04 -8.02 -7.58
N GLY A 203 -3.58 -6.99 -6.81
CA GLY A 203 -3.01 -7.26 -5.50
C GLY A 203 -1.59 -7.78 -5.51
N LEU A 204 -0.93 -7.78 -6.66
CA LEU A 204 0.30 -8.54 -6.82
C LEU A 204 1.53 -7.79 -6.28
N PRO A 205 2.61 -8.51 -6.00
CA PRO A 205 3.87 -7.84 -5.60
C PRO A 205 4.41 -6.89 -6.64
N SER A 206 4.09 -7.13 -7.90
CA SER A 206 4.49 -6.29 -9.03
C SER A 206 3.79 -4.96 -9.09
N GLN A 207 2.83 -4.79 -8.21
CA GLN A 207 1.96 -3.58 -8.17
C GLN A 207 2.15 -2.79 -6.87
N ARG A 208 3.13 -3.20 -6.05
CA ARG A 208 3.39 -2.53 -4.78
C ARG A 208 4.61 -1.61 -4.89
N TRP A 209 4.50 -0.40 -4.35
CA TRP A 209 5.56 0.60 -4.44
C TRP A 209 5.73 1.32 -3.11
N PHE A 210 6.92 1.87 -2.89
CA PHE A 210 7.27 2.59 -1.68
C PHE A 210 8.08 3.83 -2.02
N PHE A 211 7.66 5.00 -1.53
CA PHE A 211 8.41 6.24 -1.75
C PHE A 211 9.40 6.41 -0.59
N ASN A 212 10.66 6.17 -0.85
CA ASN A 212 11.64 6.18 0.20
C ASN A 212 12.24 7.58 0.42
N SER A 213 13.06 7.69 1.44
CA SER A 213 13.56 9.03 1.83
C SER A 213 14.68 9.58 0.90
N ASP A 214 15.23 8.76 -0.02
CA ASP A 214 16.24 9.18 -0.99
C ASP A 214 15.62 9.62 -2.32
N GLY A 215 14.28 9.77 -2.38
CA GLY A 215 13.65 10.17 -3.65
C GLY A 215 13.46 9.02 -4.61
N ALA A 216 13.65 7.78 -4.19
CA ALA A 216 13.36 6.66 -5.08
C ALA A 216 11.95 6.14 -4.88
N ILE A 217 11.46 5.48 -5.95
CA ILE A 217 10.19 4.73 -5.89
C ILE A 217 10.54 3.23 -6.04
N VAL A 218 10.44 2.53 -4.92
CA VAL A 218 10.94 1.18 -4.74
C VAL A 218 9.84 0.14 -4.91
N ASN A 219 10.13 -0.98 -5.61
CA ASN A 219 9.26 -2.17 -5.63
C ASN A 219 9.80 -3.14 -4.59
N PRO A 220 9.13 -3.30 -3.44
CA PRO A 220 9.76 -4.08 -2.38
C PRO A 220 10.17 -5.52 -2.74
N LYS A 221 9.35 -6.28 -3.47
CA LYS A 221 9.71 -7.69 -3.77
C LYS A 221 11.05 -7.77 -4.52
N SER A 222 11.15 -6.98 -5.60
CA SER A 222 12.37 -7.02 -6.41
C SER A 222 13.58 -6.36 -5.75
N ARG A 223 13.28 -5.36 -4.91
CA ARG A 223 14.23 -4.39 -4.30
C ARG A 223 14.56 -3.25 -5.24
N LEU A 224 14.10 -3.29 -6.47
CA LEU A 224 14.59 -2.41 -7.53
C LEU A 224 13.67 -1.20 -7.60
N VAL A 225 14.15 -0.17 -8.25
CA VAL A 225 13.49 1.17 -8.21
C VAL A 225 13.18 1.67 -9.61
N MET A 226 12.19 2.56 -9.71
N MET A 226 12.24 2.61 -9.68
CA MET A 226 11.81 3.11 -11.01
CA MET A 226 11.88 3.22 -10.95
C MET A 226 12.93 3.97 -11.58
C MET A 226 13.05 3.95 -11.56
N ASP A 227 13.19 3.77 -12.87
CA ASP A 227 14.39 4.27 -13.56
C ASP A 227 14.02 4.68 -14.97
N VAL A 228 14.37 5.91 -15.36
CA VAL A 228 14.17 6.34 -16.73
C VAL A 228 15.31 5.73 -17.55
N ARG A 229 14.95 4.73 -18.38
CA ARG A 229 15.95 3.88 -19.04
C ARG A 229 16.98 4.70 -19.76
N ALA A 230 18.23 4.39 -19.41
CA ALA A 230 19.39 5.01 -20.05
C ALA A 230 19.45 6.54 -19.96
N SER A 231 18.72 7.12 -18.98
CA SER A 231 18.56 8.58 -18.87
C SER A 231 18.15 9.18 -20.23
N ASN A 232 17.31 8.47 -20.96
CA ASN A 232 16.91 8.85 -22.30
C ASN A 232 15.41 8.91 -22.37
N VAL A 233 14.87 10.13 -22.19
CA VAL A 233 13.42 10.25 -22.14
C VAL A 233 12.76 9.87 -23.46
N SER A 234 13.47 10.05 -24.58
CA SER A 234 12.90 9.69 -25.88
C SER A 234 12.68 8.17 -26.12
N LEU A 235 13.31 7.30 -25.32
CA LEU A 235 13.05 5.88 -25.42
C LEU A 235 11.63 5.54 -24.94
N ARG A 236 11.03 6.42 -24.10
CA ARG A 236 9.73 6.19 -23.59
C ARG A 236 9.60 4.82 -22.92
N GLU A 237 10.62 4.55 -22.08
CA GLU A 237 10.70 3.33 -21.28
C GLU A 237 11.15 3.63 -19.88
N ILE A 238 10.34 3.18 -18.93
CA ILE A 238 10.69 3.26 -17.49
C ILE A 238 10.85 1.78 -17.11
N ILE A 239 11.94 1.48 -16.47
CA ILE A 239 12.29 0.12 -16.04
C ILE A 239 12.48 0.11 -14.52
N ILE A 240 12.52 -1.10 -13.97
CA ILE A 240 13.09 -1.26 -12.63
C ILE A 240 14.59 -1.54 -12.76
N PHE A 241 15.36 -0.99 -11.83
CA PHE A 241 16.82 -1.13 -11.82
C PHE A 241 17.31 -0.94 -10.40
N PRO A 242 18.48 -1.51 -10.03
CA PRO A 242 19.00 -1.22 -8.73
C PRO A 242 19.20 0.24 -8.41
N ALA A 243 18.96 0.65 -7.19
CA ALA A 243 19.08 2.06 -6.78
C ALA A 243 20.50 2.57 -6.88
N THR A 244 20.68 3.66 -7.61
CA THR A 244 21.97 4.32 -7.83
C THR A 244 22.05 5.75 -7.29
N GLY A 245 20.89 6.33 -6.97
CA GLY A 245 20.87 7.76 -6.62
C GLY A 245 21.01 8.74 -7.76
N ASN A 246 21.10 8.23 -8.98
CA ASN A 246 21.34 9.08 -10.16
C ASN A 246 20.06 9.86 -10.53
N PRO A 247 20.20 10.97 -11.24
CA PRO A 247 19.05 11.79 -11.55
C PRO A 247 17.89 11.07 -12.20
N ASN A 248 18.16 10.01 -12.99
CA ASN A 248 17.10 9.23 -13.65
C ASN A 248 16.32 8.30 -12.73
N GLN A 249 16.62 8.35 -11.44
CA GLN A 249 15.90 7.54 -10.46
C GLN A 249 15.31 8.43 -9.32
N GLN A 250 15.34 9.76 -9.50
CA GLN A 250 14.86 10.70 -8.47
C GLN A 250 13.47 11.16 -8.83
N TRP A 251 12.58 11.15 -7.83
CA TRP A 251 11.18 11.48 -8.03
C TRP A 251 10.67 12.27 -6.84
N VAL A 252 9.65 13.08 -7.08
N VAL A 252 9.70 13.15 -7.11
CA VAL A 252 8.96 13.74 -5.98
CA VAL A 252 8.97 13.89 -6.07
C VAL A 252 7.51 13.91 -6.38
C VAL A 252 7.48 13.81 -6.41
N THR A 253 6.62 13.74 -5.40
CA THR A 253 5.22 13.92 -5.62
C THR A 253 4.88 15.37 -5.51
N GLN A 254 4.00 15.82 -6.39
CA GLN A 254 3.47 17.20 -6.33
C GLN A 254 1.97 17.16 -6.28
N VAL A 255 1.39 17.46 -5.14
CA VAL A 255 -0.05 17.40 -4.96
C VAL A 255 -0.78 18.29 -5.94
N LEU A 256 -1.86 17.76 -6.46
CA LEU A 256 -2.67 18.40 -7.51
C LEU A 256 -3.87 19.13 -6.91
N PRO A 257 -4.32 20.25 -7.56
CA PRO A 257 -5.47 20.96 -7.07
C PRO A 257 -6.78 20.23 -7.32
#